data_4KX3
#
_entry.id   4KX3
#
_cell.length_a   46.872
_cell.length_b   46.872
_cell.length_c   285.873
_cell.angle_alpha   90.000
_cell.angle_beta   90.000
_cell.angle_gamma   90.000
#
_symmetry.space_group_name_H-M   'P 43 2 2'
#
loop_
_entity.id
_entity.type
_entity.pdbx_description
1 polymer "Isoform 1 of Cytosolic 5'-nucleotidase 3A"
2 non-polymer "THYMIDINE-5'-PHOSPHATE"
3 non-polymer 'MAGNESIUM ION'
4 non-polymer 1,2-ETHANEDIOL
5 non-polymer '4-(2-HYDROXYETHYL)-1-PIPERAZINE ETHANESULFONIC ACID'
6 water water
#
_entity_poly.entity_id   1
_entity_poly.type   'polypeptide(L)'
_entity_poly.pdbx_seq_one_letter_code
;STNQESAVHLKMMPEFQKSSVRIKNPTRVEEII(CME)GLIKGGAAKLQIITDFNMTLSRFSYNGKR(CME)PTCHNIID
NCKLVTDECRRKLLQLKEQYYAIEVDPVLTVEEKFPYMVEWYTKSHGLLIEQGIPKAKLKEIVADSDVMLKEGYENFFGK
LQQHGIPVFIFSAGIGDVLEEVIRQAGVYHSNVKVVSNFMDFDENGVLKGFKGELIHVFNKHDGALKNTDYFSQLKDNSN
IILLGDSQGDLRMADGVANVEHILKIGYLNDRVDELLEKYMDSYDIVLVKEESLEVVNSILQKTL
;
_entity_poly.pdbx_strand_id   A
#
loop_
_chem_comp.id
_chem_comp.type
_chem_comp.name
_chem_comp.formula
EDO non-polymer 1,2-ETHANEDIOL 'C2 H6 O2'
EPE non-polymer '4-(2-HYDROXYETHYL)-1-PIPERAZINE ETHANESULFONIC ACID' 'C8 H18 N2 O4 S'
MG non-polymer 'MAGNESIUM ION' 'Mg 2'
TMP non-polymer THYMIDINE-5'-PHOSPHATE 'C10 H15 N2 O8 P'
#
# COMPACT_ATOMS: atom_id res chain seq x y z
N ALA A 7 23.61 -20.00 4.80
CA ALA A 7 22.64 -19.82 3.67
C ALA A 7 21.21 -19.75 4.18
N VAL A 8 20.35 -19.16 3.35
CA VAL A 8 18.95 -19.05 3.68
C VAL A 8 18.29 -20.27 3.07
N HIS A 9 17.44 -20.99 3.84
CA HIS A 9 16.67 -22.10 3.32
C HIS A 9 15.17 -21.91 3.62
N LEU A 10 14.42 -21.57 2.59
CA LEU A 10 13.01 -21.32 2.76
C LEU A 10 12.31 -22.55 3.33
N LYS A 11 12.73 -23.73 2.91
CA LYS A 11 12.16 -25.00 3.46
C LYS A 11 12.20 -25.11 4.97
N MET A 12 13.20 -24.48 5.62
CA MET A 12 13.36 -24.48 7.06
C MET A 12 12.51 -23.38 7.76
N MET A 13 11.76 -22.57 6.98
CA MET A 13 10.99 -21.45 7.53
C MET A 13 9.48 -21.72 7.37
N PRO A 14 8.77 -22.02 8.46
CA PRO A 14 7.42 -22.48 8.28
C PRO A 14 6.46 -21.42 7.71
N GLU A 15 6.77 -20.14 7.90
CA GLU A 15 5.96 -19.03 7.35
C GLU A 15 5.89 -19.14 5.86
N PHE A 16 6.99 -19.58 5.27
CA PHE A 16 7.15 -19.78 3.80
C PHE A 16 6.52 -21.01 3.23
N GLN A 17 6.13 -21.95 4.08
CA GLN A 17 5.51 -23.21 3.62
C GLN A 17 4.00 -23.15 3.77
N LYS A 18 3.44 -22.08 4.29
CA LYS A 18 1.99 -21.97 4.28
C LYS A 18 1.42 -21.92 2.81
N SER A 19 0.16 -22.36 2.64
CA SER A 19 -0.36 -22.64 1.29
C SER A 19 -0.62 -21.31 0.56
N SER A 20 -0.78 -20.21 1.28
CA SER A 20 -1.01 -18.95 0.64
C SER A 20 0.29 -18.30 0.04
N VAL A 21 1.46 -18.90 0.25
CA VAL A 21 2.76 -18.36 -0.15
C VAL A 21 3.17 -19.00 -1.45
N ARG A 22 3.18 -18.20 -2.56
CA ARG A 22 3.56 -18.69 -3.84
C ARG A 22 4.82 -17.99 -4.32
N ILE A 23 5.85 -18.79 -4.53
CA ILE A 23 7.14 -18.29 -4.95
C ILE A 23 7.62 -18.96 -6.25
N LYS A 24 7.78 -18.21 -7.33
CA LYS A 24 8.17 -18.83 -8.58
C LYS A 24 9.61 -19.27 -8.56
N ASN A 25 10.50 -18.43 -7.99
CA ASN A 25 11.92 -18.69 -8.03
C ASN A 25 12.51 -18.76 -6.62
N PRO A 26 12.39 -19.92 -5.99
CA PRO A 26 12.80 -19.91 -4.56
C PRO A 26 14.30 -19.68 -4.30
N THR A 27 15.15 -20.10 -5.22
CA THR A 27 16.56 -19.95 -5.02
C THR A 27 16.92 -18.49 -5.13
N ARG A 28 16.27 -17.75 -6.05
CA ARG A 28 16.54 -16.31 -6.15
C ARG A 28 16.04 -15.57 -4.86
N VAL A 29 14.85 -15.89 -4.37
CA VAL A 29 14.34 -15.33 -3.12
C VAL A 29 15.31 -15.58 -1.95
N GLU A 30 15.82 -16.80 -1.91
CA GLU A 30 16.89 -17.14 -0.96
C GLU A 30 18.06 -16.26 -1.06
N GLU A 31 18.55 -16.04 -2.27
CA GLU A 31 19.69 -15.16 -2.47
C GLU A 31 19.43 -13.73 -2.07
N ILE A 32 18.27 -13.23 -2.49
CA ILE A 32 17.90 -11.87 -2.16
C ILE A 32 17.87 -11.67 -0.64
N ILE A 33 17.16 -12.56 0.04
CA ILE A 33 17.08 -12.53 1.51
C ILE A 33 18.44 -12.67 2.15
N CME A 34 19.31 -13.52 1.63
CA CME A 34 20.67 -13.57 2.12
CB CME A 34 21.48 -14.63 1.31
SG CME A 34 23.18 -14.81 1.84
SD CME A 34 22.96 -15.86 3.66
CE CME A 34 23.10 -14.79 5.10
CZ CME A 34 24.30 -13.87 4.89
OH CME A 34 25.25 -13.96 5.98
C CME A 34 21.35 -12.21 2.00
O CME A 34 21.99 -11.73 2.94
N GLY A 35 21.23 -11.57 0.85
CA GLY A 35 21.71 -10.19 0.68
C GLY A 35 21.15 -9.18 1.68
N LEU A 36 19.86 -9.27 2.01
CA LEU A 36 19.28 -8.35 2.99
C LEU A 36 19.93 -8.61 4.33
N ILE A 37 20.05 -9.87 4.69
CA ILE A 37 20.68 -10.24 5.94
C ILE A 37 22.13 -9.72 6.04
N LYS A 38 22.92 -9.90 4.99
CA LYS A 38 24.27 -9.35 4.99
C LYS A 38 24.33 -7.87 5.25
N GLY A 39 23.45 -7.12 4.58
CA GLY A 39 23.46 -5.68 4.73
C GLY A 39 23.00 -5.20 6.09
N GLY A 40 22.07 -5.94 6.69
CA GLY A 40 21.50 -5.57 7.99
C GLY A 40 20.69 -4.28 7.95
N ALA A 41 20.46 -3.73 9.17
CA ALA A 41 19.76 -2.47 9.37
C ALA A 41 20.30 -1.36 8.57
N ALA A 42 21.63 -1.29 8.52
CA ALA A 42 22.31 -0.14 7.97
C ALA A 42 21.97 0.04 6.54
N LYS A 43 21.64 -1.03 5.85
CA LYS A 43 21.40 -0.91 4.43
C LYS A 43 19.94 -1.00 3.99
N LEU A 44 19.01 -1.18 4.93
CA LEU A 44 17.61 -1.54 4.60
C LEU A 44 16.70 -0.32 4.48
N GLN A 45 15.83 -0.30 3.47
CA GLN A 45 14.65 0.57 3.52
C GLN A 45 13.42 -0.17 3.02
N ILE A 46 12.25 0.36 3.38
CA ILE A 46 11.01 -0.24 3.00
C ILE A 46 10.22 0.72 2.11
N ILE A 47 9.65 0.19 1.06
CA ILE A 47 8.77 0.96 0.19
C ILE A 47 7.47 0.17 0.04
N THR A 48 6.38 0.77 0.46
CA THR A 48 5.17 0.01 0.58
C THR A 48 3.91 0.77 0.19
N ASP A 49 3.03 0.05 -0.49
CA ASP A 49 1.68 0.50 -0.77
C ASP A 49 0.93 0.56 0.56
N PHE A 50 -0.24 1.18 0.53
CA PHE A 50 -1.12 1.14 1.72
C PHE A 50 -2.38 0.26 1.63
N ASN A 51 -3.41 0.72 0.90
CA ASN A 51 -4.71 0.04 0.86
C ASN A 51 -4.56 -1.40 0.31
N MET A 52 -4.97 -2.36 1.15
CA MET A 52 -4.97 -3.81 0.84
C MET A 52 -3.59 -4.46 0.85
N THR A 53 -2.55 -3.64 1.18
CA THR A 53 -1.19 -4.13 1.36
C THR A 53 -0.83 -4.07 2.87
N LEU A 54 -0.95 -2.89 3.49
CA LEU A 54 -0.84 -2.81 4.96
C LEU A 54 -2.19 -2.99 5.65
N SER A 55 -3.28 -2.66 4.96
CA SER A 55 -4.65 -2.80 5.50
C SER A 55 -5.25 -4.08 4.94
N ARG A 56 -6.28 -4.60 5.62
CA ARG A 56 -6.86 -5.86 5.22
C ARG A 56 -7.86 -5.69 4.09
N PHE A 57 -7.91 -6.71 3.25
CA PHE A 57 -8.90 -6.76 2.14
C PHE A 57 -10.27 -7.23 2.65
N SER A 58 -10.26 -8.20 3.57
CA SER A 58 -11.45 -8.68 4.15
C SER A 58 -11.19 -9.30 5.51
N TYR A 59 -12.26 -9.38 6.29
CA TYR A 59 -12.20 -9.84 7.66
C TYR A 59 -13.51 -10.56 7.94
N ASN A 60 -13.40 -11.81 8.41
CA ASN A 60 -14.59 -12.61 8.77
C ASN A 60 -15.58 -12.64 7.65
N GLY A 61 -15.07 -12.89 6.45
CA GLY A 61 -15.92 -12.91 5.27
C GLY A 61 -16.52 -11.62 4.75
N LYS A 62 -16.14 -10.44 5.26
CA LYS A 62 -16.63 -9.15 4.70
C LYS A 62 -15.45 -8.25 4.22
N ARG A 63 -15.73 -7.49 3.18
CA ARG A 63 -14.75 -6.62 2.55
C ARG A 63 -14.43 -5.45 3.46
N CME A 64 -13.16 -5.10 3.57
CA CME A 64 -12.74 -4.01 4.43
CB CME A 64 -11.44 -4.37 5.12
SG CME A 64 -11.58 -5.72 6.34
SD CME A 64 -13.07 -4.93 7.85
CE CME A 64 -14.84 -4.49 7.92
CZ CME A 64 -15.73 -5.70 7.61
OH CME A 64 -15.22 -6.87 8.31
C CME A 64 -12.55 -2.76 3.60
O CME A 64 -12.36 -2.85 2.43
N PRO A 65 -12.62 -1.59 4.20
CA PRO A 65 -12.58 -0.37 3.40
C PRO A 65 -11.13 0.13 3.06
N THR A 66 -11.01 0.67 1.87
CA THR A 66 -9.91 1.53 1.53
C THR A 66 -10.10 2.85 2.24
N CYS A 67 -9.07 3.69 2.20
CA CYS A 67 -9.11 5.03 2.76
C CYS A 67 -10.25 5.83 2.10
N HIS A 68 -10.37 5.75 0.77
CA HIS A 68 -11.50 6.41 0.16
C HIS A 68 -12.84 5.86 0.71
N ASN A 69 -12.97 4.56 0.87
CA ASN A 69 -14.24 3.95 1.33
C ASN A 69 -14.62 4.42 2.74
N ILE A 70 -13.60 4.74 3.57
CA ILE A 70 -13.85 5.27 4.87
C ILE A 70 -14.69 6.55 4.74
N ILE A 71 -14.33 7.38 3.77
CA ILE A 71 -15.12 8.63 3.57
C ILE A 71 -16.50 8.31 2.92
N ASP A 72 -16.53 7.44 1.91
CA ASP A 72 -17.77 7.06 1.22
C ASP A 72 -18.84 6.65 2.22
N ASN A 73 -18.42 5.90 3.23
CA ASN A 73 -19.30 5.29 4.17
C ASN A 73 -19.56 6.11 5.42
N CYS A 74 -18.94 7.26 5.58
CA CYS A 74 -19.02 7.96 6.86
C CYS A 74 -20.25 8.88 6.94
N LYS A 75 -20.52 9.35 8.15
CA LYS A 75 -21.70 10.21 8.46
C LYS A 75 -21.63 11.59 7.84
N LEU A 76 -20.45 12.01 7.39
CA LEU A 76 -20.34 13.36 6.79
C LEU A 76 -20.69 13.39 5.31
N VAL A 77 -21.19 12.28 4.77
CA VAL A 77 -21.58 12.21 3.37
C VAL A 77 -23.07 11.84 3.31
N THR A 78 -23.87 12.56 2.53
CA THR A 78 -25.29 12.26 2.40
C THR A 78 -25.48 10.90 1.73
N ASP A 79 -26.64 10.30 1.98
CA ASP A 79 -26.95 9.00 1.42
C ASP A 79 -26.96 9.04 -0.08
N GLU A 80 -27.35 10.17 -0.64
CA GLU A 80 -27.46 10.26 -2.11
C GLU A 80 -26.06 10.12 -2.75
N CYS A 81 -25.15 10.95 -2.24
CA CYS A 81 -23.71 10.89 -2.54
C CYS A 81 -23.16 9.47 -2.31
N ARG A 82 -23.42 8.88 -1.18
CA ARG A 82 -22.89 7.53 -0.92
C ARG A 82 -23.34 6.53 -1.97
N ARG A 83 -24.62 6.62 -2.38
CA ARG A 83 -25.07 5.77 -3.50
C ARG A 83 -24.30 6.01 -4.82
N LYS A 84 -24.15 7.27 -5.22
CA LYS A 84 -23.28 7.58 -6.35
C LYS A 84 -21.86 6.96 -6.19
N LEU A 85 -21.28 7.09 -5.00
CA LEU A 85 -19.91 6.63 -4.73
C LEU A 85 -19.79 5.13 -4.80
N LEU A 86 -20.80 4.43 -4.24
CA LEU A 86 -20.88 2.96 -4.30
C LEU A 86 -20.95 2.46 -5.74
N GLN A 87 -21.71 3.14 -6.55
CA GLN A 87 -21.86 2.76 -7.90
C GLN A 87 -20.60 3.02 -8.73
N LEU A 88 -19.98 4.18 -8.57
CA LEU A 88 -18.62 4.40 -9.16
C LEU A 88 -17.66 3.25 -8.72
N LYS A 89 -17.70 2.92 -7.43
CA LYS A 89 -16.80 1.88 -6.92
C LYS A 89 -17.02 0.57 -7.63
N GLU A 90 -18.29 0.12 -7.72
CA GLU A 90 -18.63 -1.13 -8.46
C GLU A 90 -18.14 -1.11 -9.85
N GLN A 91 -18.42 -0.02 -10.51
CA GLN A 91 -18.09 0.10 -11.91
C GLN A 91 -16.56 0.20 -12.10
N TYR A 92 -15.88 1.04 -11.33
CA TYR A 92 -14.47 1.28 -11.59
C TYR A 92 -13.53 0.22 -10.95
N TYR A 93 -13.94 -0.41 -9.84
CA TYR A 93 -13.14 -1.53 -9.26
C TYR A 93 -13.09 -2.67 -10.26
N ALA A 94 -14.21 -2.87 -10.95
CA ALA A 94 -14.26 -3.96 -11.90
C ALA A 94 -13.28 -3.76 -12.97
N ILE A 95 -13.12 -2.53 -13.43
CA ILE A 95 -12.08 -2.22 -14.40
C ILE A 95 -10.63 -2.34 -13.82
N GLU A 96 -10.43 -1.78 -12.63
CA GLU A 96 -9.13 -1.83 -11.94
C GLU A 96 -8.58 -3.25 -11.89
N VAL A 97 -9.43 -4.23 -11.55
CA VAL A 97 -8.93 -5.64 -11.37
C VAL A 97 -9.06 -6.54 -12.61
N ASP A 98 -9.70 -6.00 -13.65
CA ASP A 98 -10.00 -6.75 -14.88
C ASP A 98 -8.77 -7.41 -15.43
N PRO A 99 -8.75 -8.76 -15.45
CA PRO A 99 -7.53 -9.40 -15.99
C PRO A 99 -7.33 -9.30 -17.52
N VAL A 100 -8.40 -8.98 -18.26
CA VAL A 100 -8.39 -8.99 -19.69
C VAL A 100 -7.77 -7.71 -20.23
N LEU A 101 -7.75 -6.63 -19.44
CA LEU A 101 -7.42 -5.29 -19.93
C LEU A 101 -6.01 -4.96 -19.69
N THR A 102 -5.36 -4.23 -20.58
CA THR A 102 -3.97 -3.87 -20.32
C THR A 102 -3.94 -2.67 -19.35
N VAL A 103 -2.73 -2.29 -18.93
CA VAL A 103 -2.50 -1.15 -18.04
C VAL A 103 -2.97 0.11 -18.73
N GLU A 104 -2.65 0.21 -20.02
CA GLU A 104 -2.88 1.36 -20.85
C GLU A 104 -4.36 1.46 -21.14
N GLU A 105 -5.06 0.36 -21.32
CA GLU A 105 -6.51 0.41 -21.40
C GLU A 105 -7.18 0.90 -20.08
N LYS A 106 -6.62 0.50 -18.92
CA LYS A 106 -7.26 0.82 -17.64
C LYS A 106 -7.00 2.26 -17.22
N PHE A 107 -5.83 2.77 -17.60
CA PHE A 107 -5.27 4.05 -17.15
C PHE A 107 -6.27 5.19 -17.18
N PRO A 108 -6.86 5.47 -18.36
CA PRO A 108 -7.82 6.59 -18.37
C PRO A 108 -9.06 6.37 -17.53
N TYR A 109 -9.55 5.12 -17.41
CA TYR A 109 -10.68 4.86 -16.47
C TYR A 109 -10.31 5.10 -15.03
N MET A 110 -9.06 4.79 -14.64
CA MET A 110 -8.59 5.13 -13.29
C MET A 110 -8.55 6.63 -13.07
N VAL A 111 -7.97 7.38 -14.03
CA VAL A 111 -8.04 8.87 -13.93
C VAL A 111 -9.48 9.38 -13.69
N GLU A 112 -10.40 8.88 -14.51
CA GLU A 112 -11.81 9.25 -14.46
C GLU A 112 -12.48 8.92 -13.11
N TRP A 113 -12.16 7.74 -12.56
CA TRP A 113 -12.70 7.34 -11.25
C TRP A 113 -12.30 8.38 -10.24
N TYR A 114 -11.05 8.78 -10.28
CA TYR A 114 -10.56 9.74 -9.29
C TYR A 114 -11.23 11.10 -9.45
N THR A 115 -11.37 11.55 -10.69
CA THR A 115 -12.03 12.83 -10.95
C THR A 115 -13.45 12.85 -10.44
N LYS A 116 -14.21 11.81 -10.74
CA LYS A 116 -15.61 11.80 -10.30
C LYS A 116 -15.74 11.63 -8.79
N SER A 117 -14.98 10.67 -8.24
CA SER A 117 -14.99 10.49 -6.79
C SER A 117 -14.65 11.79 -6.13
N HIS A 118 -13.52 12.39 -6.54
CA HIS A 118 -13.05 13.54 -5.79
C HIS A 118 -13.94 14.80 -6.02
N GLY A 119 -14.50 14.92 -7.21
CA GLY A 119 -15.57 15.93 -7.42
C GLY A 119 -16.72 15.82 -6.41
N LEU A 120 -17.22 14.61 -6.15
CA LEU A 120 -18.33 14.44 -5.24
C LEU A 120 -17.91 14.70 -3.77
N LEU A 121 -16.72 14.24 -3.39
CA LEU A 121 -16.24 14.49 -2.04
C LEU A 121 -16.07 15.98 -1.74
N ILE A 122 -15.55 16.75 -2.68
CA ILE A 122 -15.39 18.17 -2.49
C ILE A 122 -16.78 18.82 -2.26
N GLU A 123 -17.76 18.48 -3.10
CA GLU A 123 -19.11 19.00 -2.92
C GLU A 123 -19.68 18.72 -1.54
N GLN A 124 -19.28 17.63 -0.91
CA GLN A 124 -19.76 17.33 0.41
C GLN A 124 -19.15 18.24 1.51
N GLY A 125 -18.10 18.99 1.18
CA GLY A 125 -17.38 19.76 2.20
C GLY A 125 -16.97 19.03 3.50
N ILE A 126 -16.13 18.02 3.38
CA ILE A 126 -15.66 17.25 4.53
C ILE A 126 -14.79 18.15 5.39
N PRO A 127 -15.08 18.29 6.69
CA PRO A 127 -14.23 19.07 7.55
C PRO A 127 -13.05 18.31 8.06
N LYS A 128 -11.90 18.93 7.95
CA LYS A 128 -10.71 18.40 8.51
C LYS A 128 -10.84 17.90 9.94
N ALA A 129 -11.55 18.65 10.79
CA ALA A 129 -11.62 18.34 12.23
C ALA A 129 -12.43 17.09 12.54
N LYS A 130 -13.24 16.66 11.58
CA LYS A 130 -14.02 15.44 11.73
C LYS A 130 -13.31 14.14 11.31
N LEU A 131 -12.15 14.23 10.65
CA LEU A 131 -11.47 13.04 10.10
C LEU A 131 -11.15 12.07 11.19
N LYS A 132 -10.73 12.58 12.34
CA LYS A 132 -10.50 11.74 13.50
C LYS A 132 -11.67 10.84 13.89
N GLU A 133 -12.86 11.43 14.06
CA GLU A 133 -14.07 10.66 14.38
C GLU A 133 -14.46 9.71 13.29
N ILE A 134 -14.44 10.21 12.07
CA ILE A 134 -14.80 9.40 10.90
C ILE A 134 -13.95 8.12 10.93
N VAL A 135 -12.62 8.27 11.09
CA VAL A 135 -11.71 7.11 11.14
C VAL A 135 -12.00 6.23 12.33
N ALA A 136 -12.12 6.83 13.52
CA ALA A 136 -12.44 6.02 14.71
C ALA A 136 -13.74 5.21 14.58
N ASP A 137 -14.75 5.72 13.90
CA ASP A 137 -15.98 4.97 13.67
C ASP A 137 -15.93 4.03 12.47
N SER A 138 -14.85 4.08 11.66
CA SER A 138 -14.80 3.27 10.45
C SER A 138 -14.52 1.80 10.79
N ASP A 139 -14.62 0.96 9.80
CA ASP A 139 -14.29 -0.46 9.89
C ASP A 139 -12.88 -0.82 9.36
N VAL A 140 -11.99 0.14 9.27
CA VAL A 140 -10.66 -0.13 8.72
C VAL A 140 -9.91 -1.11 9.61
N MET A 141 -9.12 -1.99 9.00
CA MET A 141 -8.26 -2.90 9.76
C MET A 141 -6.90 -3.07 9.11
N LEU A 142 -5.88 -2.98 9.92
CA LEU A 142 -4.54 -3.24 9.48
C LEU A 142 -4.31 -4.75 9.57
N LYS A 143 -3.35 -5.22 8.80
CA LYS A 143 -3.08 -6.62 8.70
C LYS A 143 -2.53 -7.13 10.01
N GLU A 144 -2.82 -8.38 10.27
CA GLU A 144 -2.24 -9.04 11.45
C GLU A 144 -0.72 -8.92 11.46
N GLY A 145 -0.17 -8.61 12.63
CA GLY A 145 1.26 -8.38 12.76
C GLY A 145 1.75 -6.97 12.50
N TYR A 146 0.83 -6.04 12.29
CA TYR A 146 1.21 -4.66 12.05
C TYR A 146 2.00 -3.99 13.18
N GLU A 147 1.68 -4.28 14.44
CA GLU A 147 2.45 -3.73 15.58
C GLU A 147 3.95 -4.12 15.51
N ASN A 148 4.23 -5.38 15.28
CA ASN A 148 5.61 -5.87 15.20
C ASN A 148 6.31 -5.41 13.94
N PHE A 149 5.58 -5.36 12.85
CA PHE A 149 6.12 -4.72 11.61
C PHE A 149 6.62 -3.28 11.87
N PHE A 150 5.71 -2.37 12.21
CA PHE A 150 6.13 -1.00 12.46
C PHE A 150 7.04 -0.88 13.67
N GLY A 151 6.80 -1.70 14.67
CA GLY A 151 7.58 -1.65 15.92
C GLY A 151 9.07 -2.01 15.69
N LYS A 152 9.30 -3.13 15.04
CA LYS A 152 10.63 -3.54 14.64
C LYS A 152 11.34 -2.52 13.72
N LEU A 153 10.65 -2.00 12.70
CA LEU A 153 11.25 -1.04 11.83
C LEU A 153 11.70 0.21 12.60
N GLN A 154 10.81 0.74 13.46
CA GLN A 154 11.09 1.97 14.23
C GLN A 154 12.25 1.71 15.22
N GLN A 155 12.24 0.54 15.85
CA GLN A 155 13.34 0.18 16.79
C GLN A 155 14.69 0.29 16.14
N HIS A 156 14.81 0.00 14.83
CA HIS A 156 16.11 0.00 14.19
C HIS A 156 16.26 1.23 13.25
N GLY A 157 15.33 2.17 13.39
CA GLY A 157 15.41 3.40 12.58
C GLY A 157 15.35 3.15 11.06
N ILE A 158 14.60 2.11 10.62
CA ILE A 158 14.52 1.77 9.18
C ILE A 158 13.58 2.69 8.47
N PRO A 159 14.08 3.38 7.44
CA PRO A 159 13.20 4.22 6.65
C PRO A 159 12.02 3.43 6.03
N VAL A 160 10.80 3.94 6.18
CA VAL A 160 9.61 3.34 5.60
C VAL A 160 8.93 4.45 4.76
N PHE A 161 8.70 4.20 3.48
CA PHE A 161 8.05 5.13 2.54
C PHE A 161 6.74 4.46 2.17
N ILE A 162 5.64 5.02 2.66
CA ILE A 162 4.32 4.58 2.29
C ILE A 162 3.78 5.43 1.11
N PHE A 163 3.55 4.78 -0.02
CA PHE A 163 3.24 5.40 -1.26
C PHE A 163 1.86 4.95 -1.74
N SER A 164 0.85 5.79 -1.52
CA SER A 164 -0.51 5.32 -1.62
C SER A 164 -1.25 6.19 -2.57
N ALA A 165 -2.03 5.59 -3.46
CA ALA A 165 -2.90 6.37 -4.34
C ALA A 165 -4.25 6.63 -3.64
N GLY A 166 -4.25 6.51 -2.31
CA GLY A 166 -5.48 6.72 -1.52
C GLY A 166 -5.69 8.20 -1.12
N ILE A 167 -6.11 8.45 0.11
CA ILE A 167 -6.15 9.82 0.68
C ILE A 167 -5.15 9.91 1.85
N GLY A 168 -4.19 10.84 1.75
CA GLY A 168 -3.11 10.97 2.74
C GLY A 168 -3.61 11.28 4.14
N ASP A 169 -4.58 12.19 4.26
CA ASP A 169 -5.08 12.58 5.60
C ASP A 169 -5.74 11.43 6.34
N VAL A 170 -6.48 10.59 5.59
CA VAL A 170 -7.16 9.48 6.15
C VAL A 170 -6.16 8.40 6.57
N LEU A 171 -5.25 8.10 5.67
CA LEU A 171 -4.20 7.12 5.93
C LEU A 171 -3.39 7.49 7.19
N GLU A 172 -2.91 8.73 7.26
CA GLU A 172 -2.22 9.19 8.48
C GLU A 172 -3.04 8.99 9.71
N GLU A 173 -4.33 9.30 9.64
CA GLU A 173 -5.18 9.16 10.83
C GLU A 173 -5.32 7.69 11.23
N VAL A 174 -5.36 6.77 10.24
CA VAL A 174 -5.51 5.36 10.55
C VAL A 174 -4.27 4.89 11.31
N ILE A 175 -3.07 5.22 10.80
CA ILE A 175 -1.88 4.73 11.50
C ILE A 175 -1.60 5.48 12.84
N ARG A 176 -1.95 6.77 12.89
CA ARG A 176 -1.92 7.55 14.09
C ARG A 176 -2.79 6.89 15.15
N GLN A 177 -4.06 6.52 14.86
CA GLN A 177 -4.90 5.91 15.90
C GLN A 177 -4.41 4.55 16.29
N ALA A 178 -3.73 3.86 15.38
CA ALA A 178 -3.22 2.54 15.70
C ALA A 178 -1.88 2.60 16.45
N GLY A 179 -1.37 3.80 16.71
CA GLY A 179 -0.10 4.00 17.44
C GLY A 179 1.15 3.54 16.69
N VAL A 180 1.13 3.55 15.35
CA VAL A 180 2.31 3.09 14.58
C VAL A 180 2.84 4.12 13.59
N TYR A 181 2.34 5.36 13.67
CA TYR A 181 2.85 6.40 12.81
C TYR A 181 4.13 6.98 13.41
N HIS A 182 5.20 6.21 13.31
CA HIS A 182 6.43 6.54 14.01
C HIS A 182 7.27 7.50 13.15
N SER A 183 8.36 8.02 13.71
CA SER A 183 9.16 8.98 13.01
C SER A 183 9.86 8.46 11.73
N ASN A 184 10.06 7.16 11.64
CA ASN A 184 10.69 6.60 10.45
C ASN A 184 9.72 6.46 9.24
N VAL A 185 8.43 6.78 9.44
CA VAL A 185 7.43 6.57 8.40
C VAL A 185 7.17 7.87 7.66
N LYS A 186 7.28 7.80 6.34
CA LYS A 186 7.03 8.92 5.46
C LYS A 186 5.84 8.53 4.61
N VAL A 187 4.82 9.42 4.51
CA VAL A 187 3.60 9.17 3.75
C VAL A 187 3.56 10.06 2.52
N VAL A 188 3.43 9.46 1.33
CA VAL A 188 3.19 10.20 0.09
C VAL A 188 1.92 9.69 -0.52
N SER A 189 0.93 10.59 -0.61
CA SER A 189 -0.43 10.24 -1.09
C SER A 189 -1.11 11.49 -1.67
N ASN A 190 -2.42 11.37 -1.92
CA ASN A 190 -3.28 12.53 -2.31
C ASN A 190 -3.86 13.19 -1.06
N PHE A 191 -3.34 14.37 -0.72
CA PHE A 191 -3.63 15.02 0.49
C PHE A 191 -4.64 16.10 0.17
N MET A 192 -5.58 16.20 1.08
CA MET A 192 -6.69 17.12 0.96
C MET A 192 -6.22 18.56 1.06
N ASP A 193 -6.80 19.42 0.22
CA ASP A 193 -6.67 20.89 0.36
C ASP A 193 -7.87 21.50 1.07
N PHE A 194 -7.62 22.19 2.17
CA PHE A 194 -8.72 22.74 2.97
C PHE A 194 -8.81 24.26 2.82
N ASP A 195 -10.03 24.78 2.80
CA ASP A 195 -10.23 26.23 2.73
C ASP A 195 -9.98 26.85 4.09
N GLU A 196 -10.46 28.08 4.21
CA GLU A 196 -10.15 28.96 5.32
C GLU A 196 -10.91 28.48 6.57
N ASN A 197 -12.09 27.89 6.39
CA ASN A 197 -12.80 27.19 7.47
C ASN A 197 -12.29 25.78 7.87
N GLY A 198 -11.24 25.26 7.21
CA GLY A 198 -10.82 23.86 7.43
C GLY A 198 -11.83 22.91 6.80
N VAL A 199 -12.35 23.32 5.64
CA VAL A 199 -13.32 22.54 4.87
C VAL A 199 -12.78 22.18 3.49
N LEU A 200 -12.95 20.91 3.09
CA LEU A 200 -12.31 20.37 1.90
C LEU A 200 -12.71 21.15 0.64
N LYS A 201 -11.72 21.67 -0.09
CA LYS A 201 -12.00 22.32 -1.38
C LYS A 201 -11.33 21.71 -2.61
N GLY A 202 -10.41 20.79 -2.36
CA GLY A 202 -9.64 20.20 -3.46
C GLY A 202 -8.54 19.29 -2.90
N PHE A 203 -7.69 18.80 -3.80
CA PHE A 203 -6.55 17.95 -3.36
C PHE A 203 -5.28 18.66 -3.79
N LYS A 204 -4.21 18.54 -2.99
CA LYS A 204 -2.92 19.15 -3.33
C LYS A 204 -2.09 18.41 -4.34
N GLY A 205 -1.16 19.15 -4.95
CA GLY A 205 -0.14 18.56 -5.78
C GLY A 205 -0.75 17.94 -6.98
N GLU A 206 -0.12 16.87 -7.48
CA GLU A 206 -0.57 16.18 -8.70
C GLU A 206 -1.19 14.82 -8.32
N LEU A 207 -2.22 14.38 -9.05
CA LEU A 207 -2.91 13.17 -8.70
C LEU A 207 -2.01 11.91 -8.76
N ILE A 208 -2.06 11.14 -7.70
CA ILE A 208 -1.47 9.80 -7.68
C ILE A 208 -2.61 8.86 -7.87
N HIS A 209 -2.58 8.07 -8.92
CA HIS A 209 -3.51 7.04 -9.13
C HIS A 209 -2.85 5.65 -9.27
N VAL A 210 -3.70 4.66 -9.51
CA VAL A 210 -3.25 3.25 -9.49
C VAL A 210 -2.09 2.99 -10.47
N PHE A 211 -2.11 3.67 -11.62
CA PHE A 211 -1.11 3.40 -12.65
C PHE A 211 -0.12 4.50 -12.91
N ASN A 212 0.04 5.46 -12.03
CA ASN A 212 1.15 6.38 -12.28
C ASN A 212 2.09 6.52 -11.11
N LYS A 213 2.26 5.46 -10.28
CA LYS A 213 3.21 5.60 -9.17
C LYS A 213 4.66 5.84 -9.66
N HIS A 214 5.01 5.44 -10.87
CA HIS A 214 6.32 5.82 -11.45
C HIS A 214 6.61 7.29 -11.31
N ASP A 215 5.63 8.11 -11.69
CA ASP A 215 5.81 9.55 -11.64
C ASP A 215 6.14 10.13 -10.29
N GLY A 216 5.35 9.82 -9.26
CA GLY A 216 5.63 10.34 -7.93
C GLY A 216 6.87 9.70 -7.31
N ALA A 217 7.23 8.48 -7.77
CA ALA A 217 8.50 7.88 -7.35
C ALA A 217 9.67 8.81 -7.76
N LEU A 218 9.70 9.22 -9.03
CA LEU A 218 10.74 10.17 -9.53
C LEU A 218 10.67 11.56 -8.93
N LYS A 219 9.48 12.01 -8.53
CA LYS A 219 9.37 13.30 -7.89
C LYS A 219 9.71 13.29 -6.41
N ASN A 220 10.10 12.16 -5.86
CA ASN A 220 10.63 12.12 -4.49
C ASN A 220 12.12 11.75 -4.41
N THR A 221 12.86 12.11 -5.44
CA THR A 221 14.31 11.83 -5.42
C THR A 221 15.11 12.63 -4.35
N ASP A 222 14.54 13.69 -3.78
CA ASP A 222 15.11 14.27 -2.56
C ASP A 222 15.12 13.24 -1.43
N TYR A 223 13.95 12.69 -1.09
CA TYR A 223 13.89 11.64 -0.08
C TYR A 223 14.85 10.55 -0.47
N PHE A 224 14.78 10.06 -1.69
CA PHE A 224 15.59 8.92 -2.02
C PHE A 224 17.10 9.22 -2.06
N SER A 225 17.49 10.44 -2.42
CA SER A 225 18.91 10.72 -2.52
C SER A 225 19.55 10.84 -1.14
N GLN A 226 18.77 11.09 -0.08
CA GLN A 226 19.33 11.03 1.27
C GLN A 226 19.51 9.59 1.81
N LEU A 227 18.98 8.58 1.11
CA LEU A 227 19.03 7.20 1.56
C LEU A 227 19.81 6.39 0.56
N LYS A 228 20.83 7.02 0.04
CA LYS A 228 21.68 6.37 -0.95
C LYS A 228 22.35 5.13 -0.37
N ASP A 229 22.71 5.14 0.92
CA ASP A 229 23.30 3.95 1.55
C ASP A 229 22.29 2.80 1.78
N ASN A 230 20.98 3.12 1.66
CA ASN A 230 19.93 2.14 1.91
C ASN A 230 19.58 1.42 0.64
N SER A 231 20.56 0.61 0.23
CA SER A 231 20.61 0.04 -1.09
C SER A 231 19.89 -1.30 -1.12
N ASN A 232 19.33 -1.76 0.01
CA ASN A 232 18.56 -3.01 0.08
C ASN A 232 17.13 -2.67 0.39
N ILE A 233 16.25 -3.06 -0.50
CA ILE A 233 14.85 -2.62 -0.53
C ILE A 233 13.87 -3.80 -0.37
N ILE A 234 12.90 -3.66 0.54
CA ILE A 234 11.73 -4.52 0.53
C ILE A 234 10.55 -3.69 0.06
N LEU A 235 9.95 -4.13 -1.04
CA LEU A 235 8.83 -3.45 -1.65
C LEU A 235 7.62 -4.34 -1.37
N LEU A 236 6.48 -3.78 -0.88
CA LEU A 236 5.21 -4.48 -0.69
C LEU A 236 4.14 -3.78 -1.51
N GLY A 237 3.34 -4.57 -2.20
CA GLY A 237 2.17 -3.99 -2.92
C GLY A 237 1.09 -5.05 -3.13
N ASP A 238 -0.05 -4.60 -3.65
CA ASP A 238 -1.10 -5.55 -4.02
C ASP A 238 -1.57 -5.44 -5.54
N SER A 239 -1.00 -4.47 -6.25
N SER A 239 -1.00 -4.49 -6.25
CA SER A 239 -1.41 -4.12 -7.61
CA SER A 239 -1.41 -4.19 -7.61
C SER A 239 -0.18 -4.21 -8.46
C SER A 239 -0.18 -4.23 -8.47
N GLN A 240 -0.41 -4.34 -9.78
CA GLN A 240 0.67 -4.30 -10.75
C GLN A 240 1.26 -2.91 -10.82
N GLY A 241 0.45 -1.91 -10.57
CA GLY A 241 0.97 -0.54 -10.54
C GLY A 241 1.95 -0.26 -9.38
N ASP A 242 1.95 -1.10 -8.34
CA ASP A 242 2.87 -0.91 -7.20
C ASP A 242 4.31 -1.27 -7.50
N LEU A 243 4.52 -2.05 -8.56
CA LEU A 243 5.85 -2.54 -8.95
C LEU A 243 6.81 -1.46 -9.33
N ARG A 244 6.24 -0.30 -9.66
CA ARG A 244 7.00 0.91 -10.04
C ARG A 244 7.40 1.80 -8.85
N MET A 245 7.09 1.44 -7.60
CA MET A 245 7.18 2.42 -6.47
C MET A 245 8.59 2.70 -6.10
N ALA A 246 9.47 1.75 -6.43
CA ALA A 246 10.91 1.91 -6.19
C ALA A 246 11.75 2.51 -7.34
N ASP A 247 11.09 3.04 -8.37
CA ASP A 247 11.78 3.60 -9.57
C ASP A 247 12.60 4.84 -9.28
N GLY A 248 12.49 5.46 -8.12
CA GLY A 248 13.25 6.64 -7.77
C GLY A 248 14.39 6.42 -6.79
N VAL A 249 14.62 5.15 -6.44
CA VAL A 249 15.63 4.80 -5.49
C VAL A 249 16.99 5.10 -6.10
N ALA A 250 17.89 5.65 -5.29
CA ALA A 250 19.21 6.10 -5.73
C ALA A 250 20.06 4.92 -6.19
N ASN A 251 20.28 3.99 -5.30
CA ASN A 251 21.06 2.82 -5.60
C ASN A 251 20.31 1.55 -5.09
N VAL A 252 20.15 0.55 -5.96
CA VAL A 252 19.55 -0.77 -5.62
C VAL A 252 20.55 -1.86 -5.70
N GLU A 253 20.92 -2.47 -4.58
CA GLU A 253 21.72 -3.71 -4.62
C GLU A 253 20.89 -4.97 -4.53
N HIS A 254 20.02 -5.07 -3.52
CA HIS A 254 19.08 -6.19 -3.42
C HIS A 254 17.70 -5.59 -3.25
N ILE A 255 16.74 -6.10 -4.01
CA ILE A 255 15.37 -5.64 -3.84
C ILE A 255 14.51 -6.86 -3.87
N LEU A 256 13.63 -6.97 -2.88
CA LEU A 256 12.65 -8.05 -2.80
C LEU A 256 11.25 -7.44 -2.93
N LYS A 257 10.45 -7.99 -3.82
CA LYS A 257 9.09 -7.55 -4.07
C LYS A 257 8.10 -8.58 -3.60
N ILE A 258 7.24 -8.17 -2.67
CA ILE A 258 6.22 -8.98 -2.06
C ILE A 258 4.87 -8.43 -2.51
N GLY A 259 4.04 -9.28 -3.12
CA GLY A 259 2.74 -8.87 -3.56
C GLY A 259 1.61 -9.64 -2.93
N TYR A 260 0.63 -8.90 -2.41
CA TYR A 260 -0.61 -9.45 -1.94
C TYR A 260 -1.58 -9.58 -3.11
N LEU A 261 -1.99 -10.83 -3.42
CA LEU A 261 -2.97 -11.09 -4.46
C LEU A 261 -4.29 -11.39 -3.77
N ASN A 262 -5.19 -10.42 -3.80
CA ASN A 262 -6.37 -10.50 -2.99
C ASN A 262 -7.64 -10.92 -3.76
N ASP A 263 -7.63 -10.87 -5.09
CA ASP A 263 -8.91 -11.03 -5.88
C ASP A 263 -8.54 -11.51 -7.27
N ARG A 264 -9.49 -12.20 -7.95
CA ARG A 264 -9.25 -12.80 -9.26
C ARG A 264 -8.00 -13.67 -9.28
N VAL A 265 -7.84 -14.48 -8.24
CA VAL A 265 -6.61 -15.21 -7.94
C VAL A 265 -6.18 -16.09 -9.08
N ASP A 266 -7.11 -16.93 -9.53
CA ASP A 266 -6.75 -17.86 -10.60
C ASP A 266 -6.36 -17.20 -11.87
N GLU A 267 -7.07 -16.13 -12.22
CA GLU A 267 -6.75 -15.37 -13.45
C GLU A 267 -5.48 -14.57 -13.29
N LEU A 268 -5.14 -14.14 -12.08
CA LEU A 268 -3.96 -13.24 -11.95
C LEU A 268 -2.64 -13.90 -11.43
N LEU A 269 -2.73 -15.14 -10.99
CA LEU A 269 -1.66 -15.78 -10.28
C LEU A 269 -0.37 -15.86 -11.05
N GLU A 270 -0.46 -16.28 -12.31
CA GLU A 270 0.76 -16.41 -13.10
C GLU A 270 1.42 -15.07 -13.25
N LYS A 271 0.62 -14.07 -13.57
CA LYS A 271 1.19 -12.73 -13.80
C LYS A 271 1.85 -12.17 -12.52
N TYR A 272 1.18 -12.37 -11.40
CA TYR A 272 1.74 -11.95 -10.08
C TYR A 272 3.04 -12.68 -9.74
N MET A 273 3.08 -14.00 -9.92
CA MET A 273 4.28 -14.83 -9.72
C MET A 273 5.41 -14.45 -10.63
N ASP A 274 5.11 -13.95 -11.85
CA ASP A 274 6.16 -13.48 -12.75
C ASP A 274 6.71 -12.09 -12.35
N SER A 275 5.95 -11.26 -11.66
CA SER A 275 6.41 -9.91 -11.43
C SER A 275 6.80 -9.59 -9.96
N TYR A 276 6.22 -10.33 -9.01
CA TYR A 276 6.59 -10.24 -7.58
C TYR A 276 7.41 -11.50 -7.21
N ASP A 277 8.48 -11.30 -6.45
CA ASP A 277 9.26 -12.40 -5.92
C ASP A 277 8.48 -13.35 -5.06
N ILE A 278 7.66 -12.81 -4.18
CA ILE A 278 6.81 -13.61 -3.29
C ILE A 278 5.37 -13.15 -3.47
N VAL A 279 4.45 -14.08 -3.72
CA VAL A 279 3.04 -13.72 -3.82
C VAL A 279 2.32 -14.30 -2.64
N LEU A 280 1.42 -13.54 -2.04
CA LEU A 280 0.71 -13.91 -0.86
C LEU A 280 -0.73 -13.90 -1.23
N VAL A 281 -1.33 -15.08 -1.28
CA VAL A 281 -2.68 -15.24 -1.88
C VAL A 281 -3.68 -15.23 -0.74
N LYS A 282 -4.60 -14.29 -0.80
CA LYS A 282 -5.60 -14.14 0.22
C LYS A 282 -5.03 -14.25 1.62
N GLU A 283 -4.02 -13.45 1.88
CA GLU A 283 -3.28 -13.41 3.14
C GLU A 283 -3.54 -12.10 3.91
N GLU A 284 -4.03 -12.17 5.15
CA GLU A 284 -4.32 -10.97 5.93
C GLU A 284 -3.32 -10.69 7.02
N SER A 285 -2.11 -11.24 6.92
CA SER A 285 -1.07 -10.91 7.86
C SER A 285 0.24 -10.48 7.19
N LEU A 286 1.12 -9.90 8.01
CA LEU A 286 2.48 -9.48 7.67
C LEU A 286 3.52 -10.46 8.20
N GLU A 287 3.09 -11.69 8.50
CA GLU A 287 3.99 -12.71 9.02
C GLU A 287 5.23 -12.97 8.15
N VAL A 288 5.04 -13.09 6.82
CA VAL A 288 6.19 -13.36 5.98
C VAL A 288 7.18 -12.26 6.05
N VAL A 289 6.78 -11.02 5.81
CA VAL A 289 7.81 -9.95 5.80
C VAL A 289 8.39 -9.81 7.24
N ASN A 290 7.52 -9.90 8.27
CA ASN A 290 8.03 -9.91 9.67
C ASN A 290 9.14 -10.92 9.93
N SER A 291 9.03 -12.13 9.35
N SER A 291 9.02 -12.13 9.33
CA SER A 291 10.06 -13.14 9.59
CA SER A 291 10.04 -13.17 9.55
C SER A 291 11.34 -12.66 8.88
C SER A 291 11.32 -12.80 8.81
N ILE A 292 11.20 -12.07 7.69
CA ILE A 292 12.41 -11.58 6.98
C ILE A 292 13.13 -10.52 7.82
N LEU A 293 12.32 -9.59 8.37
CA LEU A 293 12.83 -8.55 9.22
C LEU A 293 13.56 -9.15 10.45
N GLN A 294 12.95 -10.13 11.06
CA GLN A 294 13.48 -10.81 12.26
C GLN A 294 14.88 -11.36 11.98
N LYS A 295 15.10 -11.96 10.79
CA LYS A 295 16.45 -12.44 10.41
C LYS A 295 17.44 -11.38 9.98
N THR A 296 16.93 -10.24 9.53
CA THR A 296 17.72 -9.18 8.96
C THR A 296 18.23 -8.15 9.99
N LEU A 297 17.36 -7.71 10.89
CA LEU A 297 17.64 -6.60 11.75
C LEU A 297 18.47 -6.98 12.99
P TMP B . -3.38 2.32 -2.58
O1P TMP B . -3.78 0.88 -2.70
O2P TMP B . -2.43 2.91 -3.64
O3P TMP B . -2.91 2.66 -1.21
O5' TMP B . -4.72 3.17 -2.58
C5' TMP B . -5.43 3.36 -3.80
C4' TMP B . -6.64 2.47 -3.86
O4' TMP B . -7.85 3.24 -3.56
C3' TMP B . -6.87 1.87 -5.26
O3' TMP B . -7.07 0.45 -5.19
C2' TMP B . -8.13 2.55 -5.76
C1' TMP B . -8.87 2.82 -4.46
N1 TMP B . -9.95 3.86 -4.54
C2 TMP B . -11.14 3.61 -3.88
O2 TMP B . -11.30 2.65 -3.13
N3 TMP B . -12.12 4.55 -4.08
C4 TMP B . -12.06 5.64 -4.92
O4 TMP B . -13.02 6.40 -5.01
C5 TMP B . -10.80 5.82 -5.61
C5M TMP B . -10.64 7.01 -6.50
C6 TMP B . -9.84 4.92 -5.40
MG MG C . -3.27 -1.05 -2.73
C1 EDO D . 19.25 -16.59 -8.84
O1 EDO D . 18.70 -16.03 -10.05
C2 EDO D . 19.88 -17.96 -9.08
O2 EDO D . 19.23 -18.96 -8.27
C1 EDO E . -12.39 -0.21 -4.02
O1 EDO E . -13.15 0.91 -3.56
C2 EDO E . -12.92 -1.49 -3.37
O2 EDO E . -12.93 -1.43 -1.94
C1 EDO F . 3.05 13.78 11.63
O1 EDO F . 2.89 14.15 10.28
C2 EDO F . 1.98 14.33 12.58
O2 EDO F . 1.38 13.34 13.48
N1 EPE G . 19.33 -11.95 14.50
C2 EPE G . 19.87 -11.31 15.68
C3 EPE G . 19.88 -9.83 15.35
N4 EPE G . 20.67 -9.63 14.14
C5 EPE G . 20.28 -10.36 12.93
C6 EPE G . 19.99 -11.82 13.22
C7 EPE G . 21.87 -8.77 14.06
C8 EPE G . 21.88 -7.44 14.86
O8 EPE G . 20.64 -7.07 15.53
C9 EPE G . 18.12 -12.77 14.60
C10 EPE G . 18.51 -14.23 14.75
S EPE G . 17.19 -15.26 14.57
O1S EPE G . 17.48 -16.08 13.38
O2S EPE G . 15.91 -14.50 14.39
O3S EPE G . 17.01 -16.08 15.80
C1 EDO H . 19.81 3.51 7.76
O1 EDO H . 19.13 4.75 7.50
C2 EDO H . 18.93 2.44 8.43
O2 EDO H . 19.17 2.48 9.89
#